data_5TX6
#
_entry.id   5TX6
#
_cell.length_a   81.744
_cell.length_b   81.744
_cell.length_c   80.926
_cell.angle_alpha   90.00
_cell.angle_beta   90.00
_cell.angle_gamma   120.00
#
_symmetry.space_group_name_H-M   'P 31 2 1'
#
loop_
_entity.id
_entity.type
_entity.pdbx_description
1 polymer 'Transforming growth factor beta-2'
2 non-polymer 'CALCIUM ION'
3 water water
#
_entity_poly.entity_id   1
_entity_poly.type   'polypeptide(L)'
_entity_poly.pdbx_seq_one_letter_code
;MALDAAYCFRNVQDNCCLRPLYIDFRKDLGWKWIHEPKGYNANFCAGACPYRASKSPSCVSQDLEPLTIVYYVGRKPKVE
QLSNMIVKSCKCS
;
_entity_poly.pdbx_strand_id   B,A,C
#
loop_
_chem_comp.id
_chem_comp.type
_chem_comp.name
_chem_comp.formula
CA non-polymer 'CALCIUM ION' 'Ca 2'
#
# COMPACT_ATOMS: atom_id res chain seq x y z
N ALA A 2 -22.05 13.42 0.87
CA ALA A 2 -21.70 12.46 -0.22
C ALA A 2 -20.36 12.83 -0.86
N LEU A 3 -19.28 12.62 -0.11
CA LEU A 3 -17.93 12.92 -0.59
C LEU A 3 -17.18 11.63 -0.93
N ASP A 4 -16.74 11.51 -2.18
CA ASP A 4 -16.09 10.30 -2.67
C ASP A 4 -14.63 10.55 -3.05
N ALA A 5 -14.02 9.55 -3.70
CA ALA A 5 -12.60 9.59 -4.02
C ALA A 5 -12.23 10.70 -5.01
N ALA A 6 -13.20 11.11 -5.83
CA ALA A 6 -12.94 12.16 -6.82
C ALA A 6 -12.63 13.48 -6.12
N TYR A 7 -13.27 13.71 -4.98
CA TYR A 7 -13.08 14.93 -4.20
C TYR A 7 -12.01 14.75 -3.14
N CYS A 8 -12.04 13.60 -2.46
CA CYS A 8 -11.23 13.38 -1.27
C CYS A 8 -9.76 13.04 -1.56
N PHE A 9 -9.54 12.08 -2.46
CA PHE A 9 -8.19 11.55 -2.67
C PHE A 9 -7.23 12.53 -3.34
N ARG A 10 -7.74 13.69 -3.77
CA ARG A 10 -6.90 14.66 -4.45
C ARG A 10 -6.25 15.63 -3.47
N ASN A 11 -7.05 16.52 -2.89
CA ASN A 11 -6.53 17.46 -1.91
C ASN A 11 -6.48 16.84 -0.52
N VAL A 12 -5.81 17.51 0.41
CA VAL A 12 -5.74 17.06 1.79
C VAL A 12 -6.87 17.69 2.60
N GLN A 13 -7.77 16.85 3.09
CA GLN A 13 -8.90 17.31 3.91
C GLN A 13 -8.80 16.74 5.32
N ASP A 14 -9.12 17.57 6.31
CA ASP A 14 -9.18 17.14 7.70
C ASP A 14 -10.63 16.89 8.11
N ASN A 15 -11.57 17.45 7.33
CA ASN A 15 -12.98 17.23 7.55
C ASN A 15 -13.39 15.86 7.06
N CYS A 16 -14.64 15.51 7.31
CA CYS A 16 -15.17 14.22 6.91
C CYS A 16 -14.92 13.91 5.44
N CYS A 17 -14.32 12.76 5.16
CA CYS A 17 -13.94 12.38 3.80
C CYS A 17 -13.54 10.91 3.67
N LEU A 18 -13.55 10.40 2.45
CA LEU A 18 -13.14 9.03 2.18
C LEU A 18 -11.64 8.89 2.40
N ARG A 19 -11.24 7.78 3.00
CA ARG A 19 -9.82 7.49 3.26
C ARG A 19 -9.47 6.14 2.65
N PRO A 20 -8.32 6.04 1.96
CA PRO A 20 -7.96 4.74 1.38
C PRO A 20 -7.71 3.67 2.45
N LEU A 21 -7.87 2.41 2.08
CA LEU A 21 -7.57 1.31 2.99
C LEU A 21 -7.59 -0.02 2.23
N TYR A 22 -6.45 -0.70 2.18
CA TYR A 22 -6.35 -2.01 1.56
C TYR A 22 -6.34 -3.11 2.61
N ILE A 23 -7.23 -4.09 2.42
CA ILE A 23 -7.35 -5.20 3.35
C ILE A 23 -6.89 -6.50 2.68
N ASP A 24 -5.94 -7.17 3.30
CA ASP A 24 -5.50 -8.49 2.87
C ASP A 24 -6.25 -9.55 3.67
N PHE A 25 -7.12 -10.30 3.00
CA PHE A 25 -8.02 -11.23 3.68
C PHE A 25 -7.30 -12.19 4.62
N ARG A 26 -6.27 -12.87 4.12
CA ARG A 26 -5.56 -13.87 4.91
C ARG A 26 -4.81 -13.24 6.09
N LYS A 27 -4.12 -12.14 5.83
CA LYS A 27 -3.21 -11.58 6.81
C LYS A 27 -3.88 -10.63 7.80
N ASP A 28 -4.93 -9.94 7.36
CA ASP A 28 -5.63 -8.99 8.23
C ASP A 28 -6.82 -9.62 8.95
N LEU A 29 -7.65 -10.34 8.21
CA LEU A 29 -8.91 -10.85 8.75
C LEU A 29 -8.79 -12.28 9.26
N GLY A 30 -7.73 -12.97 8.87
CA GLY A 30 -7.56 -14.37 9.25
C GLY A 30 -8.47 -15.27 8.43
N TRP A 31 -8.81 -14.81 7.24
CA TRP A 31 -9.72 -15.54 6.35
C TRP A 31 -8.97 -16.48 5.40
N LYS A 32 -9.46 -17.71 5.30
CA LYS A 32 -8.92 -18.70 4.36
C LYS A 32 -9.89 -18.88 3.19
N TRP A 33 -11.11 -18.40 3.37
CA TRP A 33 -12.22 -18.67 2.48
C TRP A 33 -12.03 -18.08 1.08
N ILE A 34 -11.62 -16.82 1.02
CA ILE A 34 -11.47 -16.14 -0.26
C ILE A 34 -10.11 -16.46 -0.89
N HIS A 35 -10.15 -16.93 -2.13
CA HIS A 35 -8.94 -17.30 -2.86
C HIS A 35 -8.50 -16.20 -3.81
N GLU A 36 -9.48 -15.58 -4.47
CA GLU A 36 -9.23 -14.47 -5.37
C GLU A 36 -10.33 -13.42 -5.21
N PRO A 37 -9.95 -12.13 -5.05
CA PRO A 37 -8.59 -11.58 -4.99
C PRO A 37 -7.93 -11.80 -3.63
N LYS A 38 -6.63 -11.54 -3.54
CA LYS A 38 -5.91 -11.66 -2.28
C LYS A 38 -6.30 -10.55 -1.30
N GLY A 39 -6.86 -9.47 -1.83
CA GLY A 39 -7.31 -8.36 -1.01
C GLY A 39 -8.11 -7.38 -1.84
N TYR A 40 -8.45 -6.23 -1.26
CA TYR A 40 -9.18 -5.20 -1.99
C TYR A 40 -9.14 -3.85 -1.27
N ASN A 41 -9.42 -2.79 -2.01
CA ASN A 41 -9.49 -1.45 -1.45
C ASN A 41 -10.84 -1.23 -0.78
N ALA A 42 -10.88 -1.38 0.54
CA ALA A 42 -12.11 -1.25 1.30
C ALA A 42 -12.41 0.22 1.61
N ASN A 43 -11.36 0.98 1.89
CA ASN A 43 -11.48 2.37 2.31
C ASN A 43 -12.24 2.49 3.63
N PHE A 44 -12.37 3.73 4.12
CA PHE A 44 -13.21 4.01 5.29
C PHE A 44 -13.47 5.51 5.42
N CYS A 45 -14.38 5.85 6.32
CA CYS A 45 -14.74 7.25 6.55
C CYS A 45 -14.13 7.78 7.83
N ALA A 46 -13.61 9.00 7.77
CA ALA A 46 -13.00 9.64 8.93
C ALA A 46 -12.74 11.12 8.65
N GLY A 47 -12.85 11.94 9.68
CA GLY A 47 -12.65 13.38 9.55
C GLY A 47 -13.63 14.16 10.38
N ALA A 48 -13.37 15.46 10.50
CA ALA A 48 -14.18 16.33 11.35
C ALA A 48 -15.55 16.62 10.73
N CYS A 49 -16.58 16.52 11.57
CA CYS A 49 -17.95 16.89 11.20
C CYS A 49 -18.36 18.07 12.09
N PRO A 50 -17.95 19.31 11.70
CA PRO A 50 -17.83 20.42 12.65
C PRO A 50 -19.10 21.16 13.07
N TYR A 51 -20.27 20.85 12.51
CA TYR A 51 -21.47 21.63 12.84
C TYR A 51 -22.46 20.80 13.65
N ARG A 52 -23.48 21.46 14.18
CA ARG A 52 -24.31 20.99 15.30
C ARG A 52 -23.46 20.97 16.57
N ALA A 53 -24.13 21.07 17.72
CA ALA A 53 -23.43 21.20 19.00
C ALA A 53 -23.30 19.87 19.73
N SER A 54 -23.72 18.79 19.09
CA SER A 54 -23.67 17.46 19.69
C SER A 54 -22.26 17.12 20.12
N LYS A 55 -21.29 17.43 19.26
CA LYS A 55 -19.88 17.14 19.49
C LYS A 55 -19.59 15.63 19.43
N SER A 56 -20.62 14.83 19.18
CA SER A 56 -20.44 13.39 19.00
C SER A 56 -20.10 13.12 17.52
N PRO A 57 -19.15 12.20 17.28
CA PRO A 57 -18.58 12.04 15.94
C PRO A 57 -19.58 11.48 14.93
N SER A 58 -19.45 11.85 13.67
CA SER A 58 -20.48 11.52 12.68
C SER A 58 -19.96 11.30 11.25
N CYS A 59 -18.68 10.98 11.10
CA CYS A 59 -18.19 10.59 9.78
C CYS A 59 -18.57 9.14 9.51
N VAL A 60 -19.57 8.94 8.66
CA VAL A 60 -20.11 7.61 8.41
C VAL A 60 -20.19 7.31 6.91
N SER A 61 -20.38 6.05 6.58
CA SER A 61 -20.49 5.62 5.19
C SER A 61 -21.82 6.05 4.58
N GLN A 62 -21.82 6.27 3.27
CA GLN A 62 -23.02 6.59 2.52
C GLN A 62 -23.28 5.50 1.48
N ASP A 63 -22.52 5.56 0.39
CA ASP A 63 -22.65 4.57 -0.69
C ASP A 63 -21.68 3.41 -0.49
N LEU A 64 -22.24 2.20 -0.46
CA LEU A 64 -21.44 0.99 -0.37
C LEU A 64 -21.61 0.14 -1.63
N GLU A 65 -20.57 -0.61 -1.98
CA GLU A 65 -20.60 -1.44 -3.19
C GLU A 65 -20.19 -2.88 -2.88
N PRO A 66 -20.65 -3.83 -3.72
CA PRO A 66 -20.25 -5.22 -3.49
C PRO A 66 -18.81 -5.48 -3.89
N LEU A 67 -18.31 -6.67 -3.56
CA LEU A 67 -17.01 -7.13 -4.02
C LEU A 67 -17.14 -8.56 -4.55
N THR A 68 -16.95 -8.73 -5.85
CA THR A 68 -16.99 -10.07 -6.44
C THR A 68 -15.73 -10.81 -6.02
N ILE A 69 -15.91 -11.99 -5.45
CA ILE A 69 -14.80 -12.78 -4.93
C ILE A 69 -14.89 -14.22 -5.40
N VAL A 70 -13.83 -14.99 -5.14
CA VAL A 70 -13.77 -16.39 -5.51
C VAL A 70 -13.42 -17.25 -4.31
N TYR A 71 -14.23 -18.30 -4.09
CA TYR A 71 -13.96 -19.27 -3.04
C TYR A 71 -14.12 -20.68 -3.60
N TYR A 72 -13.72 -21.67 -2.81
CA TYR A 72 -13.70 -23.06 -3.26
C TYR A 72 -14.71 -23.94 -2.53
N VAL A 73 -15.36 -24.80 -3.29
CA VAL A 73 -16.11 -25.93 -2.73
C VAL A 73 -15.30 -27.18 -3.04
N GLY A 74 -14.32 -27.47 -2.18
CA GLY A 74 -13.35 -28.51 -2.45
C GLY A 74 -12.26 -27.97 -3.35
N ARG A 75 -12.24 -28.45 -4.59
CA ARG A 75 -11.29 -27.96 -5.59
C ARG A 75 -12.00 -27.14 -6.66
N LYS A 76 -13.33 -27.11 -6.60
CA LYS A 76 -14.15 -26.40 -7.58
C LYS A 76 -14.34 -24.94 -7.18
N PRO A 77 -13.82 -24.00 -8.00
CA PRO A 77 -14.03 -22.59 -7.66
C PRO A 77 -15.46 -22.12 -7.87
N LYS A 78 -15.88 -21.13 -7.08
CA LYS A 78 -17.21 -20.53 -7.22
C LYS A 78 -17.07 -19.02 -7.04
N VAL A 79 -18.11 -18.28 -7.42
CA VAL A 79 -18.08 -16.83 -7.33
C VAL A 79 -19.27 -16.30 -6.53
N GLU A 80 -19.00 -15.25 -5.76
CA GLU A 80 -20.01 -14.62 -4.92
C GLU A 80 -19.78 -13.11 -4.90
N GLN A 81 -20.87 -12.35 -4.87
CA GLN A 81 -20.79 -10.93 -4.62
C GLN A 81 -21.02 -10.65 -3.15
N LEU A 82 -19.94 -10.36 -2.43
CA LEU A 82 -20.05 -9.96 -1.03
C LEU A 82 -20.52 -8.51 -0.98
N SER A 83 -21.72 -8.31 -0.46
CA SER A 83 -22.33 -6.98 -0.43
C SER A 83 -21.65 -6.09 0.61
N ASN A 84 -21.76 -4.78 0.39
CA ASN A 84 -21.31 -3.78 1.37
C ASN A 84 -19.90 -4.03 1.88
N MET A 85 -18.95 -4.19 0.95
CA MET A 85 -17.56 -4.42 1.31
C MET A 85 -16.73 -3.16 1.14
N ILE A 86 -17.12 -2.34 0.16
CA ILE A 86 -16.37 -1.16 -0.20
C ILE A 86 -17.13 0.12 0.20
N VAL A 87 -16.40 1.07 0.79
CA VAL A 87 -16.95 2.41 1.02
C VAL A 87 -16.52 3.31 -0.13
N LYS A 88 -17.50 3.92 -0.79
CA LYS A 88 -17.23 4.78 -1.93
C LYS A 88 -17.46 6.26 -1.60
N SER A 89 -18.20 6.52 -0.53
CA SER A 89 -18.45 7.92 -0.13
C SER A 89 -18.77 8.04 1.36
N CYS A 90 -18.67 9.26 1.87
CA CYS A 90 -18.87 9.55 3.29
C CYS A 90 -19.74 10.79 3.48
N LYS A 91 -20.45 10.82 4.61
CA LYS A 91 -21.31 11.95 4.96
C LYS A 91 -21.20 12.26 6.45
N CYS A 92 -21.74 13.42 6.83
CA CYS A 92 -21.86 13.78 8.24
C CYS A 92 -23.29 13.56 8.71
N SER A 93 -23.47 12.61 9.63
CA SER A 93 -24.79 12.25 10.14
C SER A 93 -24.79 12.08 11.65
N ALA B 2 8.89 -14.39 18.26
CA ALA B 2 7.86 -13.41 18.70
C ALA B 2 6.71 -13.33 17.71
N LEU B 3 5.64 -12.65 18.10
CA LEU B 3 4.50 -12.44 17.21
C LEU B 3 4.79 -11.29 16.25
N ASP B 4 5.72 -11.51 15.33
CA ASP B 4 6.15 -10.48 14.39
C ASP B 4 5.71 -10.82 12.96
N ALA B 5 6.25 -10.09 11.99
CA ALA B 5 5.88 -10.27 10.59
C ALA B 5 6.34 -11.63 10.04
N ALA B 6 7.52 -12.06 10.44
CA ALA B 6 8.10 -13.30 9.94
C ALA B 6 7.20 -14.50 10.24
N TYR B 7 6.59 -14.51 11.43
CA TYR B 7 5.76 -15.62 11.87
C TYR B 7 4.31 -15.50 11.41
N CYS B 8 3.78 -14.27 11.45
CA CYS B 8 2.35 -14.05 11.27
C CYS B 8 1.93 -13.96 9.80
N PHE B 9 2.67 -13.20 9.01
CA PHE B 9 2.32 -12.99 7.61
C PHE B 9 2.41 -14.28 6.81
N ARG B 10 3.06 -15.30 7.38
CA ARG B 10 3.26 -16.57 6.70
C ARG B 10 2.07 -17.51 6.85
N ASN B 11 1.62 -17.68 8.09
CA ASN B 11 0.51 -18.57 8.40
C ASN B 11 -0.69 -17.81 8.96
N VAL B 12 -1.81 -17.87 8.26
CA VAL B 12 -3.01 -17.17 8.70
C VAL B 12 -3.49 -17.82 10.00
N GLN B 13 -4.09 -17.03 10.87
CA GLN B 13 -4.59 -17.53 12.14
C GLN B 13 -5.49 -16.51 12.82
N ASP B 14 -6.46 -16.99 13.59
CA ASP B 14 -7.36 -16.11 14.34
C ASP B 14 -6.69 -15.62 15.61
N ASN B 15 -5.59 -16.26 16.00
CA ASN B 15 -4.86 -15.90 17.20
C ASN B 15 -4.23 -14.51 17.09
N CYS B 16 -3.81 -13.96 18.23
CA CYS B 16 -3.13 -12.68 18.26
C CYS B 16 -1.86 -12.70 17.41
N CYS B 17 -1.74 -11.72 16.52
CA CYS B 17 -0.60 -11.67 15.60
C CYS B 17 -0.49 -10.30 14.95
N LEU B 18 0.66 -10.03 14.34
CA LEU B 18 0.87 -8.79 13.62
C LEU B 18 0.09 -8.81 12.31
N ARG B 19 -0.55 -7.69 11.98
CA ARG B 19 -1.39 -7.58 10.80
C ARG B 19 -0.86 -6.48 9.88
N PRO B 20 -0.79 -6.74 8.55
CA PRO B 20 -0.33 -5.68 7.65
C PRO B 20 -1.25 -4.47 7.64
N LEU B 21 -0.68 -3.28 7.46
CA LEU B 21 -1.50 -2.07 7.33
C LEU B 21 -0.68 -0.92 6.76
N TYR B 22 -1.05 -0.48 5.57
CA TYR B 22 -0.38 0.64 4.92
C TYR B 22 -1.12 1.94 5.16
N ILE B 23 -0.39 2.95 5.61
CA ILE B 23 -0.94 4.27 5.88
C ILE B 23 -0.39 5.30 4.89
N ASP B 24 -1.29 5.97 4.17
CA ASP B 24 -0.92 7.10 3.33
C ASP B 24 -1.05 8.38 4.13
N PHE B 25 0.07 9.06 4.36
CA PHE B 25 0.10 10.24 5.23
C PHE B 25 -0.91 11.30 4.80
N ARG B 26 -0.87 11.67 3.53
CA ARG B 26 -1.77 12.71 3.02
C ARG B 26 -3.22 12.28 2.98
N LYS B 27 -3.47 11.09 2.46
CA LYS B 27 -4.84 10.64 2.20
C LYS B 27 -5.55 10.10 3.44
N ASP B 28 -4.83 9.41 4.31
CA ASP B 28 -5.45 8.80 5.49
C ASP B 28 -5.44 9.72 6.71
N LEU B 29 -4.29 10.30 7.02
CA LEU B 29 -4.13 11.06 8.26
C LEU B 29 -4.42 12.55 8.10
N GLY B 30 -4.50 13.01 6.85
CA GLY B 30 -4.70 14.43 6.59
C GLY B 30 -3.44 15.24 6.84
N TRP B 31 -2.30 14.56 6.84
CA TRP B 31 -1.02 15.21 7.08
C TRP B 31 -0.45 15.81 5.81
N LYS B 32 -0.07 17.09 5.89
CA LYS B 32 0.57 17.80 4.80
C LYS B 32 2.06 17.98 5.10
N TRP B 33 2.46 17.52 6.28
CA TRP B 33 3.79 17.81 6.82
C TRP B 33 4.87 16.90 6.26
N ILE B 34 4.54 15.63 6.03
CA ILE B 34 5.49 14.65 5.53
C ILE B 34 5.44 14.56 4.00
N HIS B 35 6.59 14.79 3.36
CA HIS B 35 6.68 14.77 1.90
C HIS B 35 7.33 13.48 1.37
N GLU B 36 8.08 12.81 2.23
CA GLU B 36 8.67 11.53 1.88
C GLU B 36 8.87 10.68 3.14
N PRO B 37 8.47 9.40 3.10
CA PRO B 37 7.78 8.71 2.00
C PRO B 37 6.32 9.13 1.89
N LYS B 38 5.64 8.66 0.86
CA LYS B 38 4.22 8.96 0.69
C LYS B 38 3.42 8.24 1.78
N GLY B 39 3.94 7.11 2.23
CA GLY B 39 3.30 6.34 3.29
C GLY B 39 4.23 5.27 3.81
N TYR B 40 3.71 4.42 4.70
CA TYR B 40 4.50 3.34 5.28
C TYR B 40 3.63 2.26 5.88
N ASN B 41 4.24 1.13 6.21
CA ASN B 41 3.52 0.02 6.84
C ASN B 41 3.60 0.12 8.36
N ALA B 42 2.54 0.61 8.97
CA ALA B 42 2.48 0.76 10.42
C ALA B 42 2.10 -0.56 11.08
N ASN B 43 1.30 -1.35 10.37
CA ASN B 43 0.78 -2.61 10.89
C ASN B 43 -0.09 -2.38 12.13
N PHE B 44 -0.65 -3.46 12.67
CA PHE B 44 -1.42 -3.40 13.91
C PHE B 44 -1.60 -4.79 14.51
N CYS B 45 -2.19 -4.83 15.69
CA CYS B 45 -2.37 -6.09 16.42
C CYS B 45 -3.84 -6.41 16.63
N ALA B 46 -4.20 -7.67 16.39
CA ALA B 46 -5.56 -8.14 16.58
C ALA B 46 -5.57 -9.66 16.62
N GLY B 47 -6.54 -10.23 17.33
CA GLY B 47 -6.69 -11.68 17.39
C GLY B 47 -7.06 -12.19 18.77
N ALA B 48 -7.43 -13.47 18.82
CA ALA B 48 -7.79 -14.13 20.06
C ALA B 48 -6.63 -14.16 21.04
N CYS B 49 -6.92 -13.87 22.30
CA CYS B 49 -5.94 -13.98 23.37
C CYS B 49 -6.47 -14.87 24.49
N PRO B 50 -5.74 -15.96 24.81
CA PRO B 50 -6.08 -16.86 25.92
C PRO B 50 -6.45 -16.15 27.22
N LYS B 55 -8.04 -13.29 34.16
CA LYS B 55 -8.22 -12.17 33.27
C LYS B 55 -8.18 -12.60 31.80
N SER B 56 -8.61 -11.70 30.91
CA SER B 56 -8.67 -11.97 29.48
C SER B 56 -7.92 -10.86 28.73
N PRO B 57 -6.64 -11.09 28.39
CA PRO B 57 -5.82 -10.11 27.67
C PRO B 57 -6.43 -9.51 26.41
N SER B 58 -5.78 -8.45 25.93
CA SER B 58 -6.07 -7.86 24.63
C SER B 58 -4.84 -8.03 23.74
N CYS B 59 -5.07 -8.19 22.44
CA CYS B 59 -3.97 -8.27 21.50
C CYS B 59 -3.45 -6.86 21.24
N VAL B 60 -2.26 -6.58 21.79
CA VAL B 60 -1.69 -5.24 21.72
C VAL B 60 -0.26 -5.27 21.21
N SER B 61 0.25 -4.09 20.84
CA SER B 61 1.61 -3.97 20.33
C SER B 61 2.64 -4.24 21.42
N GLN B 62 3.83 -4.68 20.99
CA GLN B 62 4.93 -4.94 21.91
C GLN B 62 6.11 -4.04 21.56
N ASP B 63 6.91 -4.46 20.58
CA ASP B 63 8.07 -3.69 20.14
C ASP B 63 7.70 -2.73 19.01
N LEU B 64 8.11 -1.48 19.16
CA LEU B 64 7.88 -0.45 18.15
C LEU B 64 9.20 -0.01 17.53
N GLU B 65 9.14 0.39 16.26
CA GLU B 65 10.32 0.89 15.54
C GLU B 65 10.04 2.28 15.01
N PRO B 66 11.09 3.10 14.80
CA PRO B 66 10.87 4.45 14.29
C PRO B 66 10.75 4.50 12.76
N LEU B 67 10.40 5.67 12.24
CA LEU B 67 10.35 5.89 10.80
C LEU B 67 11.06 7.19 10.44
N THR B 68 11.97 7.11 9.48
CA THR B 68 12.68 8.28 8.97
C THR B 68 11.85 8.95 7.88
N ILE B 69 11.58 10.24 8.04
CA ILE B 69 10.71 10.97 7.13
C ILE B 69 11.35 12.27 6.64
N VAL B 70 10.67 12.94 5.73
CA VAL B 70 11.10 14.23 5.21
C VAL B 70 10.00 15.26 5.35
N TYR B 71 10.32 16.39 5.98
CA TYR B 71 9.42 17.52 6.05
C TYR B 71 10.11 18.77 5.52
N TYR B 72 9.34 19.85 5.38
CA TYR B 72 9.85 21.07 4.77
C TYR B 72 9.75 22.28 5.69
N VAL B 73 10.81 23.08 5.68
CA VAL B 73 10.78 24.43 6.22
C VAL B 73 10.91 25.37 5.03
N GLY B 74 9.78 25.80 4.50
CA GLY B 74 9.76 26.52 3.24
C GLY B 74 9.82 25.54 2.09
N ARG B 75 10.94 25.54 1.37
CA ARG B 75 11.21 24.60 0.29
C ARG B 75 12.36 23.67 0.66
N LYS B 76 12.93 23.88 1.84
CA LYS B 76 14.14 23.19 2.25
C LYS B 76 13.82 21.82 2.86
N PRO B 77 14.43 20.74 2.31
CA PRO B 77 14.15 19.41 2.86
C PRO B 77 14.89 19.12 4.17
N LYS B 78 14.16 18.57 5.14
CA LYS B 78 14.69 18.26 6.45
C LYS B 78 14.41 16.79 6.79
N VAL B 79 15.41 16.09 7.32
CA VAL B 79 15.26 14.69 7.67
C VAL B 79 15.06 14.54 9.18
N GLU B 80 14.19 13.62 9.58
CA GLU B 80 13.86 13.44 10.99
C GLU B 80 13.37 12.03 11.28
N GLN B 81 13.84 11.45 12.38
CA GLN B 81 13.38 10.14 12.83
C GLN B 81 12.15 10.28 13.71
N LEU B 82 11.03 9.73 13.27
CA LEU B 82 9.82 9.67 14.08
C LEU B 82 9.81 8.40 14.91
N SER B 83 9.54 8.55 16.21
CA SER B 83 9.52 7.41 17.12
C SER B 83 8.16 6.75 17.17
N ASN B 84 8.15 5.44 17.44
CA ASN B 84 6.91 4.70 17.66
C ASN B 84 5.95 4.80 16.48
N MET B 85 6.46 4.53 15.29
CA MET B 85 5.65 4.63 14.07
C MET B 85 5.25 3.26 13.55
N ILE B 86 6.18 2.31 13.64
CA ILE B 86 5.96 0.96 13.13
C ILE B 86 5.77 -0.05 14.25
N VAL B 87 4.73 -0.87 14.11
CA VAL B 87 4.53 -2.00 15.01
C VAL B 87 5.23 -3.22 14.42
N LYS B 88 6.21 -3.75 15.14
CA LYS B 88 7.00 -4.88 14.65
C LYS B 88 6.61 -6.21 15.30
N SER B 89 5.93 -6.13 16.45
CA SER B 89 5.50 -7.35 17.14
C SER B 89 4.36 -7.08 18.11
N CYS B 90 3.57 -8.11 18.38
CA CYS B 90 2.43 -8.02 19.28
C CYS B 90 2.61 -8.90 20.51
N LYS B 91 1.68 -8.78 21.46
CA LYS B 91 1.69 -9.62 22.65
C LYS B 91 0.32 -9.65 23.29
N CYS B 92 0.06 -10.68 24.08
CA CYS B 92 -1.15 -10.78 24.87
C CYS B 92 -0.92 -10.22 26.27
N SER B 93 -1.69 -9.20 26.62
CA SER B 93 -1.57 -8.57 27.94
C SER B 93 -2.92 -8.07 28.44
N ALA C 2 10.27 -14.98 -5.11
CA ALA C 2 11.47 -14.14 -5.43
C ALA C 2 11.40 -12.79 -4.71
N LEU C 3 12.50 -12.06 -4.73
CA LEU C 3 12.56 -10.72 -4.13
C LEU C 3 12.02 -9.69 -5.12
N ASP C 4 10.71 -9.64 -5.26
CA ASP C 4 10.05 -8.81 -6.28
C ASP C 4 9.40 -7.58 -5.69
N ALA C 5 8.65 -6.86 -6.52
CA ALA C 5 7.95 -5.66 -6.10
C ALA C 5 6.95 -5.95 -4.99
N ALA C 6 6.34 -7.13 -5.05
CA ALA C 6 5.36 -7.54 -4.05
C ALA C 6 6.00 -7.62 -2.66
N TYR C 7 7.09 -8.37 -2.56
CA TYR C 7 7.74 -8.61 -1.28
C TYR C 7 8.47 -7.37 -0.75
N CYS C 8 8.96 -6.54 -1.65
CA CYS C 8 9.84 -5.44 -1.27
C CYS C 8 9.11 -4.13 -1.01
N PHE C 9 8.22 -3.75 -1.90
CA PHE C 9 7.56 -2.44 -1.81
C PHE C 9 6.54 -2.36 -0.68
N ARG C 10 6.30 -3.47 0.00
CA ARG C 10 5.48 -3.42 1.21
C ARG C 10 6.31 -2.74 2.29
N ASN C 11 7.30 -3.46 2.83
CA ASN C 11 8.19 -2.90 3.84
C ASN C 11 9.51 -2.44 3.23
N VAL C 12 9.75 -1.14 3.23
CA VAL C 12 11.04 -0.60 2.81
C VAL C 12 12.07 -0.91 3.88
N GLN C 13 12.74 -2.05 3.72
CA GLN C 13 13.73 -2.53 4.70
C GLN C 13 15.15 -2.31 4.18
N ASP C 14 16.12 -2.61 5.03
CA ASP C 14 17.53 -2.41 4.70
C ASP C 14 18.14 -3.65 4.05
N ASN C 15 17.39 -4.75 4.02
CA ASN C 15 17.86 -5.96 3.36
C ASN C 15 17.85 -5.79 1.83
N CYS C 16 18.69 -6.57 1.16
CA CYS C 16 18.77 -6.54 -0.30
C CYS C 16 17.41 -6.82 -0.93
N CYS C 17 16.91 -5.87 -1.73
CA CYS C 17 15.60 -6.02 -2.34
C CYS C 17 15.39 -5.02 -3.48
N LEU C 18 14.20 -5.04 -4.07
CA LEU C 18 13.89 -4.22 -5.24
C LEU C 18 13.58 -2.78 -4.86
N ARG C 19 14.11 -1.84 -5.64
CA ARG C 19 13.96 -0.41 -5.36
C ARG C 19 13.35 0.32 -6.56
N PRO C 20 12.40 1.24 -6.31
CA PRO C 20 11.80 1.97 -7.44
C PRO C 20 12.77 2.92 -8.14
N LEU C 21 12.70 2.98 -9.46
CA LEU C 21 13.49 3.91 -10.25
C LEU C 21 12.82 4.20 -11.59
N TYR C 22 12.50 5.47 -11.81
CA TYR C 22 11.91 5.91 -13.07
C TYR C 22 12.97 6.59 -13.93
N ILE C 23 13.08 6.17 -15.19
CA ILE C 23 14.03 6.76 -16.12
C ILE C 23 13.29 7.56 -17.20
N ASP C 24 13.59 8.85 -17.29
CA ASP C 24 13.06 9.71 -18.35
C ASP C 24 14.01 9.67 -19.54
N PHE C 25 13.56 9.07 -20.64
CA PHE C 25 14.41 8.87 -21.82
C PHE C 25 15.07 10.15 -22.31
N ARG C 26 14.28 11.22 -22.40
CA ARG C 26 14.79 12.48 -22.95
C ARG C 26 15.72 13.20 -21.98
N LYS C 27 15.32 13.26 -20.71
CA LYS C 27 16.05 14.03 -19.71
C LYS C 27 17.24 13.27 -19.12
N ASP C 28 17.10 11.96 -18.97
CA ASP C 28 18.14 11.16 -18.33
C ASP C 28 19.11 10.53 -19.34
N LEU C 29 18.56 9.88 -20.36
CA LEU C 29 19.37 9.19 -21.36
C LEU C 29 19.72 10.06 -22.55
N GLY C 30 18.99 11.16 -22.72
CA GLY C 30 19.17 12.00 -23.90
C GLY C 30 18.58 11.35 -25.13
N TRP C 31 17.76 10.32 -24.92
CA TRP C 31 17.10 9.61 -26.01
C TRP C 31 15.83 10.34 -26.42
N LYS C 32 15.88 11.02 -27.55
CA LYS C 32 14.74 11.78 -28.07
C LYS C 32 14.08 11.05 -29.24
N TRP C 33 14.57 9.86 -29.55
CA TRP C 33 14.09 9.10 -30.71
C TRP C 33 12.87 8.24 -30.38
N ILE C 34 12.67 7.95 -29.09
CA ILE C 34 11.52 7.16 -28.67
C ILE C 34 10.29 8.04 -28.53
N HIS C 35 9.23 7.66 -29.24
CA HIS C 35 7.96 8.40 -29.18
C HIS C 35 7.17 8.01 -27.93
N GLU C 36 7.14 6.72 -27.65
CA GLU C 36 6.43 6.20 -26.48
C GLU C 36 7.11 4.94 -25.95
N PRO C 37 7.17 4.79 -24.61
CA PRO C 37 6.76 5.74 -23.59
C PRO C 37 7.81 6.82 -23.38
N LYS C 38 7.45 7.90 -22.68
CA LYS C 38 8.41 8.96 -22.40
C LYS C 38 9.42 8.52 -21.34
N GLY C 39 9.06 7.49 -20.59
CA GLY C 39 9.96 6.91 -19.61
C GLY C 39 9.47 5.54 -19.17
N TYR C 40 10.16 4.94 -18.22
CA TYR C 40 9.78 3.62 -17.72
C TYR C 40 10.36 3.32 -16.35
N ASN C 41 9.78 2.35 -15.66
CA ASN C 41 10.23 1.97 -14.34
C ASN C 41 11.35 0.94 -14.41
N ALA C 42 12.58 1.43 -14.48
CA ALA C 42 13.75 0.56 -14.60
C ALA C 42 14.01 -0.23 -13.32
N ASN C 43 13.83 0.44 -12.18
CA ASN C 43 14.13 -0.13 -10.87
C ASN C 43 15.62 -0.48 -10.73
N PHE C 44 15.99 -0.99 -9.56
CA PHE C 44 17.34 -1.45 -9.32
C PHE C 44 17.38 -2.28 -8.04
N CYS C 45 18.53 -2.87 -7.74
CA CYS C 45 18.71 -3.72 -6.57
C CYS C 45 19.77 -3.16 -5.64
N ALA C 46 19.45 -3.11 -4.35
CA ALA C 46 20.39 -2.61 -3.34
C ALA C 46 19.98 -3.05 -1.94
N SER C 58 27.05 -9.24 -2.86
CA SER C 58 26.53 -8.09 -3.60
C SER C 58 25.04 -8.24 -3.88
N CYS C 59 24.32 -7.12 -3.83
CA CYS C 59 22.91 -7.10 -4.18
C CYS C 59 22.76 -6.91 -5.68
N VAL C 60 22.46 -8.00 -6.39
CA VAL C 60 22.48 -8.01 -7.85
C VAL C 60 21.09 -8.21 -8.45
N SER C 61 20.97 -7.88 -9.74
CA SER C 61 19.73 -8.08 -10.47
C SER C 61 19.47 -9.56 -10.72
N GLN C 62 18.22 -9.99 -10.51
CA GLN C 62 17.82 -11.37 -10.72
C GLN C 62 17.29 -11.55 -12.13
N ASP C 63 15.98 -11.42 -12.30
CA ASP C 63 15.34 -11.58 -13.61
C ASP C 63 15.12 -10.23 -14.27
N LEU C 64 15.34 -10.18 -15.58
CA LEU C 64 15.13 -8.96 -16.36
C LEU C 64 13.92 -9.14 -17.27
N GLU C 65 13.34 -8.02 -17.69
CA GLU C 65 12.22 -8.04 -18.64
C GLU C 65 12.41 -7.00 -19.74
N PRO C 66 11.71 -7.19 -20.87
CA PRO C 66 11.83 -6.26 -22.00
C PRO C 66 10.93 -5.04 -21.86
N LEU C 67 11.23 -3.99 -22.63
CA LEU C 67 10.38 -2.81 -22.69
C LEU C 67 9.93 -2.57 -24.13
N THR C 68 8.62 -2.55 -24.33
CA THR C 68 8.06 -2.25 -25.63
C THR C 68 8.06 -0.74 -25.85
N ILE C 69 8.54 -0.31 -27.02
CA ILE C 69 8.61 1.10 -27.36
C ILE C 69 8.02 1.36 -28.73
N VAL C 70 7.69 2.63 -29.00
CA VAL C 70 7.27 3.05 -30.32
C VAL C 70 8.18 4.17 -30.79
N TYR C 71 8.68 4.06 -32.02
CA TYR C 71 9.48 5.11 -32.63
C TYR C 71 9.21 5.16 -34.12
N TYR C 72 9.50 6.30 -34.72
CA TYR C 72 9.23 6.51 -36.14
C TYR C 72 10.51 6.58 -36.94
N VAL C 73 10.57 5.80 -38.01
CA VAL C 73 11.65 5.88 -38.98
C VAL C 73 11.07 6.57 -40.22
N GLY C 74 11.29 7.88 -40.31
CA GLY C 74 10.57 8.67 -41.29
C GLY C 74 9.10 8.66 -40.89
N ARG C 75 8.23 8.38 -41.85
CA ARG C 75 6.80 8.35 -41.56
C ARG C 75 6.30 6.97 -41.13
N LYS C 76 7.16 5.95 -41.20
CA LYS C 76 6.76 4.61 -40.79
C LYS C 76 6.95 4.39 -39.29
N PRO C 77 5.87 4.08 -38.56
CA PRO C 77 5.98 3.75 -37.14
C PRO C 77 6.49 2.32 -36.92
N LYS C 78 7.28 2.12 -35.87
CA LYS C 78 7.82 0.80 -35.58
C LYS C 78 7.68 0.47 -34.09
N VAL C 79 7.32 -0.78 -33.82
CA VAL C 79 7.20 -1.28 -32.46
C VAL C 79 8.20 -2.40 -32.25
N GLU C 80 9.06 -2.25 -31.25
CA GLU C 80 10.03 -3.28 -30.93
C GLU C 80 10.25 -3.34 -29.42
N GLN C 81 10.65 -4.52 -28.94
CA GLN C 81 10.93 -4.72 -27.54
C GLN C 81 12.42 -4.58 -27.26
N LEU C 82 12.76 -3.65 -26.37
CA LEU C 82 14.14 -3.53 -25.88
C LEU C 82 14.31 -4.48 -24.70
N SER C 83 15.14 -5.50 -24.89
CA SER C 83 15.33 -6.53 -23.88
C SER C 83 16.19 -6.03 -22.72
N ASN C 84 15.92 -6.56 -21.53
CA ASN C 84 16.75 -6.30 -20.35
C ASN C 84 16.77 -4.84 -19.95
N MET C 85 15.59 -4.21 -19.92
CA MET C 85 15.45 -2.81 -19.52
C MET C 85 14.92 -2.71 -18.10
N ILE C 86 14.04 -3.63 -17.74
CA ILE C 86 13.34 -3.59 -16.46
C ILE C 86 13.85 -4.67 -15.51
N VAL C 87 14.10 -4.28 -14.26
CA VAL C 87 14.46 -5.21 -13.21
C VAL C 87 13.18 -5.69 -12.53
N LYS C 88 13.01 -7.01 -12.47
CA LYS C 88 11.82 -7.62 -11.88
C LYS C 88 12.07 -8.00 -10.43
N SER C 89 13.25 -8.54 -10.15
CA SER C 89 13.59 -9.03 -8.83
C SER C 89 15.09 -8.93 -8.57
N CYS C 90 15.49 -9.24 -7.34
CA CYS C 90 16.89 -9.10 -6.92
C CYS C 90 17.40 -10.36 -6.20
N LYS C 91 18.68 -10.33 -5.83
CA LYS C 91 19.29 -11.45 -5.10
C LYS C 91 20.59 -11.03 -4.41
N CYS C 92 21.02 -11.84 -3.44
CA CYS C 92 22.32 -11.68 -2.82
C CYS C 92 23.28 -12.71 -3.40
N SER C 93 24.35 -12.24 -4.03
CA SER C 93 25.31 -13.11 -4.71
C SER C 93 26.74 -12.60 -4.55
CA CA D . 12.69 12.69 16.22
#